data_1KQ6
#
_entry.id   1KQ6
#
_cell.length_a   70.957
_cell.length_b   70.957
_cell.length_c   55.312
_cell.angle_alpha   90.00
_cell.angle_beta   90.00
_cell.angle_gamma   90.00
#
_symmetry.space_group_name_H-M   'I 41'
#
loop_
_entity.id
_entity.type
_entity.pdbx_description
1 polymer 'neutrophil cytosol factor 1'
2 non-polymer 'SULFATE ION'
3 non-polymer GLYCEROL
4 water water
#
_entity_poly.entity_id   1
_entity_poly.type   'polypeptide(L)'
_entity_poly.pdbx_seq_one_letter_code
;(MSE)GDTFIRHIALLGFEKRFVPSQHYVY(MSE)FLVKWQDLSEKVVYRRFTEIYEFHKTLKE(MSE)FPIEAGAINPE
NRIIPHLPAPKWFDGQRAAENRQGTLTEYCSTL(MSE)SLPTKISRCPHLLDFFKVRPDDLKLPTDNQTKKPETYL
(MSE)
;
_entity_poly.pdbx_strand_id   A
#
loop_
_chem_comp.id
_chem_comp.type
_chem_comp.name
_chem_comp.formula
GOL non-polymer GLYCEROL 'C3 H8 O3'
SO4 non-polymer 'SULFATE ION' 'O4 S -2'
#
# COMPACT_ATOMS: atom_id res chain seq x y z
N GLY A 2 -17.87 -13.41 -3.04
CA GLY A 2 -18.13 -12.85 -4.34
C GLY A 2 -17.39 -13.59 -5.46
N ASP A 3 -16.09 -13.71 -5.37
CA ASP A 3 -15.17 -14.20 -6.39
C ASP A 3 -13.74 -14.37 -5.85
N THR A 4 -12.80 -13.74 -6.53
CA THR A 4 -11.47 -13.41 -6.05
C THR A 4 -11.58 -12.03 -5.41
N PHE A 5 -11.15 -11.90 -4.17
CA PHE A 5 -11.09 -10.57 -3.55
C PHE A 5 -10.18 -10.64 -2.32
N ILE A 6 -9.85 -9.46 -1.80
CA ILE A 6 -8.99 -9.38 -0.62
C ILE A 6 -9.84 -9.24 0.63
N ARG A 7 -9.51 -10.04 1.64
CA ARG A 7 -10.16 -9.98 2.96
C ARG A 7 -9.48 -9.04 3.93
N HIS A 8 -8.14 -8.91 3.88
CA HIS A 8 -7.42 -8.13 4.87
C HIS A 8 -6.09 -7.64 4.27
N ILE A 9 -5.70 -6.43 4.62
CA ILE A 9 -4.38 -5.93 4.24
C ILE A 9 -3.69 -5.40 5.50
N ALA A 10 -2.58 -6.00 5.88
CA ALA A 10 -1.83 -5.57 7.07
C ALA A 10 -0.48 -5.00 6.64
N LEU A 11 -0.06 -3.93 7.27
CA LEU A 11 1.31 -3.43 7.08
C LEU A 11 2.23 -4.15 8.04
N LEU A 12 3.26 -4.86 7.55
CA LEU A 12 4.16 -5.60 8.43
C LEU A 12 5.41 -4.82 8.83
N GLY A 13 5.72 -3.77 8.09
CA GLY A 13 6.97 -3.06 8.35
C GLY A 13 7.43 -2.51 6.99
N PHE A 14 8.75 -2.37 6.84
CA PHE A 14 9.32 -1.87 5.61
C PHE A 14 10.70 -2.47 5.40
N GLU A 15 11.24 -2.31 4.20
CA GLU A 15 12.60 -2.73 3.91
C GLU A 15 13.36 -1.61 3.25
N LYS A 16 14.64 -1.50 3.58
CA LYS A 16 15.54 -0.61 2.87
C LYS A 16 16.22 -1.43 1.77
N ARG A 17 15.92 -1.09 0.51
CA ARG A 17 16.47 -1.72 -0.67
C ARG A 17 17.66 -0.93 -1.19
N PHE A 18 18.58 -1.65 -1.85
CA PHE A 18 19.74 -1.03 -2.45
C PHE A 18 19.88 -1.20 -3.96
N VAL A 19 19.25 -2.22 -4.52
CA VAL A 19 19.36 -2.63 -5.91
C VAL A 19 17.95 -2.56 -6.47
N PRO A 20 17.79 -1.80 -7.54
CA PRO A 20 18.89 -1.24 -8.30
C PRO A 20 19.36 0.09 -7.73
N SER A 21 18.52 0.65 -6.87
CA SER A 21 18.82 1.91 -6.19
C SER A 21 18.37 1.88 -4.74
N GLN A 22 18.87 2.81 -3.93
CA GLN A 22 18.47 2.87 -2.53
C GLN A 22 17.09 3.49 -2.39
N HIS A 23 16.19 2.75 -1.76
CA HIS A 23 14.83 3.23 -1.50
C HIS A 23 14.13 2.37 -0.48
N TYR A 24 13.04 2.87 0.08
CA TYR A 24 12.24 2.06 1.00
C TYR A 24 11.06 1.42 0.27
N VAL A 25 10.74 0.19 0.67
CA VAL A 25 9.46 -0.42 0.27
C VAL A 25 8.72 -0.76 1.53
N TYR A 26 7.39 -0.64 1.53
CA TYR A 26 6.51 -1.04 2.62
C TYR A 26 6.05 -2.47 2.35
N MSE A 27 5.98 -3.24 3.44
CA MSE A 27 5.67 -4.69 3.33
C MSE A 27 4.25 -4.92 3.74
O MSE A 27 3.92 -4.55 4.89
CB MSE A 27 6.64 -5.47 4.23
CB MSE A 27 6.55 -5.53 4.24
CG MSE A 27 6.73 -6.96 4.05
CG MSE A 27 8.03 -5.37 3.95
SE MSE A 27 8.17 -7.84 5.07
SE MSE A 27 9.12 -6.30 5.23
CE MSE A 27 8.90 -6.22 5.74
CE MSE A 27 8.82 -5.48 6.86
N PHE A 28 3.46 -5.53 2.86
CA PHE A 28 2.05 -5.76 3.15
C PHE A 28 1.79 -7.25 3.18
N LEU A 29 0.97 -7.67 4.14
CA LEU A 29 0.46 -9.04 4.13
C LEU A 29 -0.99 -8.97 3.64
N VAL A 30 -1.26 -9.64 2.52
CA VAL A 30 -2.58 -9.58 1.88
C VAL A 30 -3.25 -10.93 2.04
N LYS A 31 -4.40 -10.95 2.70
CA LYS A 31 -5.21 -12.14 2.86
C LYS A 31 -6.28 -12.19 1.76
N TRP A 32 -6.30 -13.23 0.94
CA TRP A 32 -7.26 -13.37 -0.15
C TRP A 32 -8.46 -14.21 0.28
N GLN A 33 -9.48 -14.27 -0.58
CA GLN A 33 -10.71 -15.00 -0.32
C GLN A 33 -10.45 -16.48 -0.07
N ASP A 34 -9.42 -17.05 -0.68
CA ASP A 34 -9.05 -18.45 -0.48
C ASP A 34 -8.21 -18.64 0.78
N LEU A 35 -8.06 -17.60 1.57
CA LEU A 35 -7.34 -17.61 2.85
C LEU A 35 -5.82 -17.63 2.68
N SER A 36 -5.31 -17.56 1.44
CA SER A 36 -3.86 -17.39 1.32
C SER A 36 -3.41 -16.03 1.85
N GLU A 37 -2.21 -15.99 2.40
CA GLU A 37 -1.59 -14.77 2.94
C GLU A 37 -0.32 -14.55 2.12
N LYS A 38 -0.28 -13.44 1.41
CA LYS A 38 0.84 -13.19 0.50
C LYS A 38 1.55 -11.91 0.87
N VAL A 39 2.87 -11.90 0.79
CA VAL A 39 3.65 -10.68 1.06
C VAL A 39 3.91 -9.90 -0.22
N VAL A 40 3.59 -8.62 -0.23
CA VAL A 40 3.96 -7.79 -1.38
C VAL A 40 4.63 -6.53 -0.84
N TYR A 41 5.41 -5.89 -1.75
CA TYR A 41 6.21 -4.74 -1.35
C TYR A 41 5.88 -3.55 -2.24
N ARG A 42 5.62 -2.38 -1.66
CA ARG A 42 5.27 -1.24 -2.53
C ARG A 42 5.97 -0.02 -1.98
N ARG A 43 6.55 0.80 -2.86
CA ARG A 43 7.09 2.09 -2.37
C ARG A 43 5.97 3.07 -2.07
N PHE A 44 6.22 4.01 -1.18
CA PHE A 44 5.20 5.00 -0.88
C PHE A 44 4.70 5.74 -2.11
N THR A 45 5.57 6.15 -3.03
CA THR A 45 5.05 6.88 -4.19
C THR A 45 4.10 6.01 -5.00
N GLU A 46 4.31 4.72 -5.12
CA GLU A 46 3.38 3.85 -5.85
C GLU A 46 2.05 3.77 -5.13
N ILE A 47 2.04 3.69 -3.80
CA ILE A 47 0.80 3.69 -3.05
C ILE A 47 0.06 5.01 -3.23
N TYR A 48 0.81 6.11 -3.18
CA TYR A 48 0.18 7.42 -3.39
C TYR A 48 -0.41 7.55 -4.78
N GLU A 49 0.29 7.08 -5.80
CA GLU A 49 -0.27 7.13 -7.16
C GLU A 49 -1.48 6.25 -7.27
N PHE A 50 -1.45 5.06 -6.67
CA PHE A 50 -2.63 4.21 -6.63
C PHE A 50 -3.79 4.95 -5.99
N HIS A 51 -3.55 5.57 -4.84
CA HIS A 51 -4.58 6.38 -4.16
C HIS A 51 -5.22 7.42 -5.06
N LYS A 52 -4.38 8.19 -5.79
CA LYS A 52 -4.95 9.16 -6.73
C LYS A 52 -5.81 8.47 -7.78
N THR A 53 -5.37 7.31 -8.28
CA THR A 53 -6.19 6.62 -9.31
C THR A 53 -7.52 6.18 -8.75
N LEU A 54 -7.55 5.78 -7.47
CA LEU A 54 -8.80 5.35 -6.86
C LEU A 54 -9.74 6.54 -6.68
N LYS A 55 -9.19 7.67 -6.24
CA LYS A 55 -10.05 8.86 -6.10
C LYS A 55 -10.62 9.25 -7.43
N GLU A 56 -9.83 9.15 -8.52
CA GLU A 56 -10.35 9.53 -9.84
C GLU A 56 -11.50 8.64 -10.29
N MSE A 57 -11.45 7.35 -9.90
CA MSE A 57 -12.48 6.37 -10.28
C MSE A 57 -13.81 6.59 -9.57
O MSE A 57 -14.88 6.33 -10.14
CB MSE A 57 -12.01 4.94 -9.99
CG MSE A 57 -10.96 4.45 -10.94
SE MSE A 57 -10.33 2.69 -10.41
CE MSE A 57 -11.97 1.73 -10.67
N PHE A 58 -13.72 7.07 -8.33
CA PHE A 58 -14.91 7.17 -7.45
C PHE A 58 -15.05 8.58 -6.91
N PRO A 59 -15.38 9.54 -7.77
CA PRO A 59 -15.43 10.95 -7.33
C PRO A 59 -16.46 11.20 -6.23
N ILE A 60 -17.54 10.44 -6.14
CA ILE A 60 -18.46 10.71 -5.03
C ILE A 60 -17.78 10.41 -3.69
N GLU A 61 -17.22 9.18 -3.55
CA GLU A 61 -16.58 8.82 -2.29
C GLU A 61 -15.26 9.53 -2.07
N ALA A 62 -14.71 10.16 -3.12
CA ALA A 62 -13.51 10.98 -2.98
C ALA A 62 -13.89 12.38 -2.46
N GLY A 63 -15.18 12.70 -2.41
CA GLY A 63 -15.60 14.05 -2.05
C GLY A 63 -15.44 15.10 -3.14
N ALA A 64 -15.27 14.67 -4.37
CA ALA A 64 -15.05 15.58 -5.49
C ALA A 64 -16.31 16.31 -5.92
N ILE A 65 -17.48 15.75 -5.61
CA ILE A 65 -18.69 16.52 -5.86
C ILE A 65 -19.08 17.28 -4.60
N ASN A 66 -19.26 16.61 -3.48
CA ASN A 66 -19.62 17.14 -2.18
C ASN A 66 -18.64 16.69 -1.12
N PRO A 67 -17.79 17.53 -0.56
CA PRO A 67 -16.71 17.07 0.31
CA PRO A 67 -16.70 17.03 0.29
C PRO A 67 -17.23 16.33 1.54
N GLU A 68 -18.43 16.67 2.01
CA GLU A 68 -18.89 15.91 3.19
C GLU A 68 -19.18 14.47 2.85
N ASN A 69 -19.24 14.12 1.57
CA ASN A 69 -19.54 12.73 1.22
C ASN A 69 -18.26 11.91 1.13
N ARG A 70 -17.11 12.52 1.45
CA ARG A 70 -15.89 11.76 1.30
C ARG A 70 -15.77 10.62 2.30
N ILE A 71 -15.46 9.42 1.81
CA ILE A 71 -15.16 8.28 2.70
C ILE A 71 -13.84 7.60 2.33
N ILE A 72 -13.26 7.90 1.15
CA ILE A 72 -11.92 7.36 0.85
C ILE A 72 -10.94 7.95 1.85
N PRO A 73 -10.11 7.13 2.49
CA PRO A 73 -9.19 7.67 3.49
C PRO A 73 -8.19 8.63 2.87
N HIS A 74 -7.66 9.46 3.78
CA HIS A 74 -6.65 10.41 3.37
C HIS A 74 -5.27 9.78 3.38
N LEU A 75 -4.46 10.34 2.52
CA LEU A 75 -3.05 9.99 2.46
C LEU A 75 -2.22 11.25 2.24
N PRO A 76 -1.41 11.70 3.19
CA PRO A 76 -0.52 12.85 3.00
C PRO A 76 0.42 12.67 1.81
N ALA A 77 0.61 13.69 0.98
CA ALA A 77 1.55 13.59 -0.14
C ALA A 77 2.92 13.11 0.34
N PRO A 78 3.67 12.47 -0.56
CA PRO A 78 5.12 12.37 -0.32
C PRO A 78 5.68 13.78 -0.12
N LYS A 79 5.60 14.23 1.09
CA LYS A 79 6.47 14.85 2.03
C LYS A 79 7.59 13.89 2.42
N TRP A 80 8.81 14.15 1.96
CA TRP A 80 9.97 13.44 2.52
C TRP A 80 10.40 14.17 3.80
N PHE A 81 10.00 13.61 4.93
CA PHE A 81 10.15 14.26 6.22
C PHE A 81 10.86 13.35 7.24
N ASP A 82 11.96 13.90 7.72
CA ASP A 82 13.01 13.19 8.44
C ASP A 82 12.49 12.48 9.67
N GLY A 83 12.86 13.02 10.81
CA GLY A 83 12.54 12.66 12.17
C GLY A 83 11.44 11.63 12.29
N GLN A 84 11.54 10.73 13.28
CA GLN A 84 10.54 9.65 13.21
C GLN A 84 9.23 10.10 13.79
N ARG A 85 9.01 11.36 14.16
CA ARG A 85 7.57 11.67 14.32
C ARG A 85 6.90 11.46 12.96
N ALA A 86 7.50 12.04 11.93
CA ALA A 86 7.01 11.87 10.55
C ALA A 86 7.05 10.41 10.14
N ALA A 87 8.13 9.70 10.48
CA ALA A 87 8.16 8.25 10.19
C ALA A 87 7.11 7.45 10.94
N GLU A 88 6.81 7.78 12.21
CA GLU A 88 5.72 7.12 12.95
C GLU A 88 4.36 7.47 12.38
N ASN A 89 4.26 8.73 11.92
CA ASN A 89 3.08 9.10 11.16
C ASN A 89 2.90 8.34 9.84
N ARG A 90 3.94 8.02 9.08
CA ARG A 90 3.90 7.36 7.78
C ARG A 90 3.53 5.87 7.85
N GLN A 91 4.22 5.11 8.69
CA GLN A 91 3.79 3.72 8.86
C GLN A 91 2.39 3.70 9.46
N GLY A 92 2.15 4.56 10.45
CA GLY A 92 0.80 4.67 11.03
C GLY A 92 -0.24 5.09 10.02
N THR A 93 0.10 6.06 9.16
CA THR A 93 -0.94 6.50 8.22
C THR A 93 -1.13 5.40 7.16
N LEU A 94 -0.10 4.68 6.72
CA LEU A 94 -0.31 3.62 5.74
C LEU A 94 -1.09 2.46 6.38
N THR A 95 -0.83 2.15 7.65
CA THR A 95 -1.60 1.11 8.32
C THR A 95 -3.09 1.46 8.35
N GLU A 96 -3.37 2.68 8.81
CA GLU A 96 -4.74 3.18 8.89
C GLU A 96 -5.39 3.21 7.52
N TYR A 97 -4.62 3.58 6.51
CA TYR A 97 -5.16 3.67 5.14
C TYR A 97 -5.66 2.33 4.67
N CYS A 98 -4.82 1.29 4.82
CA CYS A 98 -5.12 -0.04 4.29
C CYS A 98 -6.26 -0.66 5.09
N SER A 99 -6.29 -0.41 6.42
CA SER A 99 -7.44 -0.94 7.18
C SER A 99 -8.74 -0.29 6.74
N THR A 100 -8.68 1.04 6.49
CA THR A 100 -9.88 1.76 6.10
C THR A 100 -10.33 1.36 4.70
N LEU A 101 -9.43 1.08 3.79
CA LEU A 101 -9.84 0.58 2.46
C LEU A 101 -10.75 -0.63 2.56
N MSE A 102 -10.43 -1.54 3.49
CA MSE A 102 -11.22 -2.80 3.56
C MSE A 102 -12.55 -2.56 4.22
O MSE A 102 -13.35 -3.51 4.18
CB MSE A 102 -10.36 -3.87 4.24
CG MSE A 102 -9.17 -4.31 3.35
SE MSE A 102 -9.70 -5.06 1.63
CE MSE A 102 -9.45 -3.54 0.47
N SER A 103 -12.83 -1.40 4.81
CA SER A 103 -14.17 -1.09 5.29
C SER A 103 -15.02 -0.32 4.29
N LEU A 104 -14.42 0.05 3.14
CA LEU A 104 -15.23 0.81 2.17
C LEU A 104 -16.30 -0.11 1.58
N PRO A 105 -17.32 0.50 1.00
CA PRO A 105 -18.32 -0.30 0.27
C PRO A 105 -17.65 -1.22 -0.75
N THR A 106 -18.18 -2.40 -0.99
CA THR A 106 -17.46 -3.39 -1.79
C THR A 106 -17.25 -2.88 -3.22
N LYS A 107 -18.00 -1.93 -3.73
CA LYS A 107 -17.69 -1.46 -5.10
C LYS A 107 -16.28 -0.88 -5.14
N ILE A 108 -15.80 -0.38 -4.00
CA ILE A 108 -14.39 0.11 -3.98
C ILE A 108 -13.48 -0.94 -3.33
N SER A 109 -13.87 -1.52 -2.20
CA SER A 109 -12.92 -2.41 -1.51
C SER A 109 -12.66 -3.67 -2.32
N ARG A 110 -13.56 -4.08 -3.22
CA ARG A 110 -13.32 -5.25 -4.08
C ARG A 110 -13.17 -4.84 -5.53
N CYS A 111 -12.89 -3.56 -5.80
CA CYS A 111 -12.79 -3.21 -7.23
C CYS A 111 -11.57 -3.87 -7.85
N PRO A 112 -11.71 -4.41 -9.05
CA PRO A 112 -10.57 -5.06 -9.72
C PRO A 112 -9.32 -4.21 -9.77
N HIS A 113 -9.41 -2.89 -9.91
CA HIS A 113 -8.21 -2.07 -9.93
C HIS A 113 -7.42 -2.19 -8.63
N LEU A 114 -8.11 -2.17 -7.49
CA LEU A 114 -7.47 -2.37 -6.18
C LEU A 114 -6.92 -3.76 -6.05
N LEU A 115 -7.69 -4.76 -6.42
CA LEU A 115 -7.18 -6.15 -6.32
C LEU A 115 -5.88 -6.25 -7.12
N ASP A 116 -5.87 -5.66 -8.31
CA ASP A 116 -4.71 -5.80 -9.21
C ASP A 116 -3.50 -5.13 -8.61
N PHE A 117 -3.68 -4.01 -7.92
CA PHE A 117 -2.55 -3.32 -7.32
C PHE A 117 -1.83 -4.20 -6.31
N PHE A 118 -2.59 -4.98 -5.54
CA PHE A 118 -2.00 -5.79 -4.45
C PHE A 118 -1.63 -7.19 -4.85
N LYS A 119 -1.84 -7.61 -6.10
CA LYS A 119 -1.41 -8.92 -6.60
C LYS A 119 0.12 -8.97 -6.67
N VAL A 120 0.65 -10.18 -6.42
CA VAL A 120 2.09 -10.39 -6.41
C VAL A 120 2.72 -10.07 -7.78
N ARG A 121 3.77 -9.26 -7.73
CA ARG A 121 4.63 -8.96 -8.88
C ARG A 121 5.80 -9.93 -8.98
N PRO A 122 6.48 -10.08 -10.12
CA PRO A 122 7.68 -10.92 -10.19
C PRO A 122 8.68 -10.54 -9.10
N ASP A 123 8.89 -9.26 -8.81
CA ASP A 123 9.92 -8.94 -7.81
C ASP A 123 9.36 -9.07 -6.39
N ASP A 124 8.07 -9.28 -6.16
CA ASP A 124 7.57 -9.72 -4.86
C ASP A 124 7.94 -11.17 -4.61
N LEU A 125 8.12 -11.97 -5.66
CA LEU A 125 8.51 -13.38 -5.47
C LEU A 125 10.00 -13.63 -5.49
N LYS A 126 10.66 -12.88 -6.36
CA LYS A 126 12.09 -13.01 -6.57
C LYS A 126 12.67 -11.61 -6.43
N LEU A 127 13.17 -11.33 -5.23
CA LEU A 127 13.71 -9.98 -5.03
C LEU A 127 15.02 -9.80 -5.82
N PRO A 128 15.18 -8.64 -6.45
CA PRO A 128 16.40 -8.30 -7.18
C PRO A 128 17.61 -8.37 -6.25
N THR A 129 18.65 -9.06 -6.71
CA THR A 129 19.89 -9.05 -5.97
C THR A 129 21.02 -8.70 -6.95
N ASP A 130 22.12 -8.24 -6.42
CA ASP A 130 23.40 -8.05 -7.06
C ASP A 130 24.42 -8.81 -6.23
N ASN A 131 25.29 -9.57 -6.88
CA ASN A 131 26.37 -10.17 -6.07
C ASN A 131 27.23 -9.13 -5.37
N GLN A 132 27.28 -7.86 -5.76
CA GLN A 132 28.29 -7.03 -5.09
C GLN A 132 27.65 -6.13 -4.05
N THR A 133 26.38 -6.40 -3.81
CA THR A 133 25.64 -5.49 -2.92
C THR A 133 25.09 -6.14 -1.66
C THR A 133 25.26 -6.34 -1.26
N LYS A 134 24.89 -5.34 -0.63
N LYS A 134 25.05 -5.46 -0.30
CA LYS A 134 24.21 -5.65 0.59
C LYS A 134 22.78 -6.10 0.40
C LYS A 134 22.70 -6.73 0.56
N LYS A 135 22.43 -7.21 1.06
N LYS A 135 22.28 -7.67 1.27
CA LYS A 135 21.03 -7.67 1.08
CA LYS A 135 20.84 -7.83 1.14
C LYS A 135 20.14 -6.61 1.73
N PRO A 136 18.86 -6.49 1.32
CA PRO A 136 18.00 -5.45 1.91
C PRO A 136 17.94 -5.55 3.40
N GLU A 137 17.77 -4.42 4.05
CA GLU A 137 17.55 -4.42 5.50
C GLU A 137 16.07 -4.52 5.78
N THR A 138 15.63 -5.50 6.55
CA THR A 138 14.22 -5.67 6.82
C THR A 138 13.86 -5.10 8.18
N TYR A 139 12.73 -4.40 8.27
CA TYR A 139 12.30 -3.81 9.55
C TYR A 139 10.86 -4.26 9.82
N LEU A 140 10.72 -5.36 10.56
CA LEU A 140 9.39 -5.86 10.92
C LEU A 140 9.02 -5.21 12.24
N MSE A 141 7.93 -4.47 12.24
CA MSE A 141 7.64 -3.75 13.51
C MSE A 141 6.17 -3.39 13.41
O MSE A 141 5.56 -3.17 14.47
OXT MSE A 141 5.69 -3.34 12.26
CB MSE A 141 8.42 -2.49 13.79
CG MSE A 141 8.92 -1.76 12.57
CG MSE A 141 9.08 -1.71 12.72
SE MSE A 141 9.88 -0.10 12.86
SE MSE A 141 7.86 -0.77 11.56
CE MSE A 141 8.60 0.61 14.11
CE MSE A 141 8.77 0.89 11.46
S SO4 B . -5.94 13.41 -0.03
O1 SO4 B . -5.44 12.92 -1.37
O2 SO4 B . -4.90 14.39 0.38
O3 SO4 B . -7.24 14.13 -0.18
O4 SO4 B . -5.99 12.23 0.83
S SO4 C . -7.43 -2.25 -13.85
O1 SO4 C . -6.72 -0.92 -13.72
O2 SO4 C . -6.50 -3.06 -12.93
O3 SO4 C . -8.76 -2.41 -13.29
O4 SO4 C . -7.28 -2.71 -15.25
S SO4 D . 9.33 6.81 -2.50
O1 SO4 D . 10.21 7.21 -3.64
O2 SO4 D . 10.03 6.25 -1.34
O3 SO4 D . 8.63 8.12 -2.13
O4 SO4 D . 8.36 5.82 -2.91
C1 GOL E . -13.61 -8.79 3.67
O1 GOL E . -14.09 -10.02 3.26
C2 GOL E . -13.50 -7.74 2.57
O2 GOL E . -12.73 -6.62 3.09
C3 GOL E . -14.72 -7.22 1.82
O3 GOL E . -14.44 -5.94 1.22
C1 GOL F . -9.59 -8.00 -12.32
O1 GOL F . -8.34 -7.63 -12.88
C2 GOL F . -9.44 -8.55 -10.90
O2 GOL F . -8.24 -8.03 -10.29
C3 GOL F . -9.55 -10.04 -10.65
O3 GOL F . -8.89 -10.43 -9.46
C1 GOL G . -18.05 -12.23 1.38
O1 GOL G . -17.27 -13.09 2.19
C2 GOL G . -18.22 -12.81 -0.02
O2 GOL G . -19.17 -12.04 -0.77
C3 GOL G . -18.51 -14.30 -0.21
O3 GOL G . -17.55 -14.90 -1.07
C1 GOL H . -4.76 -13.25 -6.11
O1 GOL H . -3.62 -13.06 -6.94
C2 GOL H . -4.62 -14.53 -5.27
O2 GOL H . -4.03 -15.57 -6.06
C3 GOL H . -5.83 -15.07 -4.50
O3 GOL H . -6.26 -16.30 -5.03
C1 GOL I . -9.66 8.88 7.25
O1 GOL I . -8.99 9.87 6.52
C2 GOL I . -11.01 9.32 7.80
O2 GOL I . -11.07 9.06 9.23
C3 GOL I . -12.29 8.72 7.17
O3 GOL I . -12.05 7.35 6.82
C1 GOL J . -5.00 -13.40 -10.48
O1 GOL J . -4.51 -14.45 -9.65
C2 GOL J . -3.85 -12.76 -11.27
O2 GOL J . -3.59 -13.53 -12.45
C3 GOL J . -2.53 -12.45 -10.55
O3 GOL J . -1.65 -11.75 -11.40
C1 GOL K . 22.85 -7.44 5.40
O1 GOL K . 21.57 -7.04 4.93
C2 GOL K . 23.34 -8.71 4.68
O2 GOL K . 24.04 -9.55 5.62
C3 GOL K . 24.14 -8.60 3.40
O3 GOL K . 24.98 -9.70 3.16
C1 GOL L . 2.49 -17.41 1.41
O1 GOL L . 3.07 -16.56 2.38
C2 GOL L . 2.99 -18.85 1.63
O2 GOL L . 3.71 -19.26 0.46
C3 GOL L . 2.00 -19.95 2.05
O3 GOL L . 1.42 -19.67 3.32
C1 GOL M . -0.63 -19.99 -2.45
O1 GOL M . -1.81 -20.75 -2.60
C2 GOL M . -0.48 -19.57 -0.97
O2 GOL M . -1.62 -20.02 -0.24
C3 GOL M . -0.20 -18.10 -0.66
O3 GOL M . 1.14 -17.76 -1.05
C1 GOL N . 19.94 -2.57 -12.42
O1 GOL N . 20.72 -1.40 -12.58
C2 GOL N . 20.27 -3.26 -11.09
O2 GOL N . 21.27 -2.51 -10.39
C3 GOL N . 20.66 -4.75 -11.09
O3 GOL N . 22.00 -4.90 -10.66
#